data_8JU3
#
_entry.id   8JU3
#
_cell.length_a   63.839
_cell.length_b   63.839
_cell.length_c   462.383
_cell.angle_alpha   90.000
_cell.angle_beta   90.000
_cell.angle_gamma   120.000
#
_symmetry.space_group_name_H-M   'P 3 2 1'
#
loop_
_entity.id
_entity.type
_entity.pdbx_description
1 polymer "Tail fiber protein S,Tail fiber protein S'"
2 water water
#
_entity_poly.entity_id   1
_entity_poly.type   'polypeptide(L)'
_entity_poly.pdbx_seq_one_letter_code
;MFYIDNDSGVTVMPPVSAQRSAIVRWFSEGDGNNVITWPGMDWFNIVQAELLNTLEEAGIQPDKTKLNQLALSIKAIMSN
NALLIKNNLSEIKTAGASAQRTARENLDIYDASLNKKGLVQLTSATDSPSETLAATAKAVKIAMDNANARLAKDRNGADI
PNKPLFIQNLGLQETVNQASGALQQNQNGADIPGKDTFTKNIGACRAYSAWLNIGGDSQVWTTAQFISWLESQGAFNHPY
WMCKGSWAYANNKVITDTGCGNICLAGAVVEVIGTRGAMTIRVTTPSTSSGGGITNAQFTYINHGDAYAPGWRRDYNTKN
QQPAFALGQTGSTVGNDKAVGWNWNSGVYNANIGGASTLILHFNMNTGSCPAVQFRVNYRNGGIFYRSARDGYGFEADWS
EIYTTTRKPSAGDVGAYTQAECNSRFITGIRLGGLSSVQTWNGPGWSDRSGYVVTGSVNGNRDELIDTTQARPIQYCING
TWYNAGSI
;
_entity_poly.pdbx_strand_id   A
#
# COMPACT_ATOMS: atom_id res chain seq x y z
N GLN A 187 -65.25 0.89 -10.52
CA GLN A 187 -64.59 1.20 -11.79
C GLN A 187 -63.11 1.53 -11.60
N ASN A 188 -62.82 2.47 -10.70
CA ASN A 188 -61.46 2.69 -10.21
C ASN A 188 -60.49 3.05 -11.33
N GLY A 189 -60.91 3.98 -12.18
CA GLY A 189 -60.07 4.43 -13.29
C GLY A 189 -59.75 3.39 -14.34
N ALA A 190 -60.19 2.14 -14.17
CA ALA A 190 -59.95 1.13 -15.20
C ALA A 190 -60.58 1.54 -16.52
N ASP A 191 -61.61 2.39 -16.46
CA ASP A 191 -62.25 2.94 -17.65
C ASP A 191 -61.66 4.32 -18.02
N ILE A 192 -60.35 4.33 -18.27
CA ILE A 192 -59.64 5.53 -18.70
C ILE A 192 -58.91 5.26 -20.00
N PRO A 193 -59.18 6.00 -21.07
CA PRO A 193 -58.33 5.92 -22.26
C PRO A 193 -57.11 6.81 -22.11
N GLY A 194 -56.01 6.39 -22.73
CA GLY A 194 -54.74 7.08 -22.60
C GLY A 194 -54.29 7.40 -21.19
N LYS A 195 -54.26 6.39 -20.31
CA LYS A 195 -53.99 6.62 -18.88
C LYS A 195 -52.65 7.34 -18.64
N ASP A 196 -51.66 7.15 -19.52
CA ASP A 196 -50.39 7.85 -19.39
C ASP A 196 -50.55 9.36 -19.55
N THR A 197 -51.41 9.76 -20.49
CA THR A 197 -51.70 11.17 -20.67
C THR A 197 -52.44 11.74 -19.45
N PHE A 198 -53.37 10.97 -18.90
CA PHE A 198 -54.07 11.31 -17.65
C PHE A 198 -53.07 11.65 -16.54
N THR A 199 -52.18 10.69 -16.25
CA THR A 199 -51.16 10.94 -15.26
C THR A 199 -50.41 12.24 -15.53
N LYS A 200 -50.00 12.49 -16.77
CA LYS A 200 -49.28 13.74 -17.05
C LYS A 200 -50.14 14.96 -16.71
N ASN A 201 -51.40 14.98 -17.19
CA ASN A 201 -52.30 16.09 -16.90
C ASN A 201 -52.45 16.34 -15.40
N ILE A 202 -52.59 15.26 -14.62
CA ILE A 202 -52.80 15.42 -13.18
C ILE A 202 -51.51 15.81 -12.45
N GLY A 203 -50.37 15.80 -13.13
CA GLY A 203 -49.10 16.05 -12.48
C GLY A 203 -48.78 15.07 -11.37
N ALA A 204 -48.69 13.78 -11.73
CA ALA A 204 -48.30 12.72 -10.80
C ALA A 204 -47.13 11.94 -11.40
N CYS A 205 -46.26 11.43 -10.53
CA CYS A 205 -45.10 10.67 -10.98
C CYS A 205 -45.52 9.36 -11.61
N ARG A 206 -44.82 8.98 -12.69
CA ARG A 206 -45.23 7.88 -13.56
C ARG A 206 -44.53 6.61 -13.12
N ALA A 207 -45.28 5.67 -12.53
CA ALA A 207 -44.76 4.34 -12.20
C ALA A 207 -44.96 3.44 -13.42
N TYR A 208 -43.95 3.37 -14.28
CA TYR A 208 -44.16 2.83 -15.62
C TYR A 208 -44.23 1.30 -15.65
N SER A 209 -43.48 0.60 -14.81
CA SER A 209 -43.48 -0.86 -14.83
C SER A 209 -42.63 -1.38 -13.68
N ALA A 210 -43.07 -2.52 -13.13
CA ALA A 210 -42.38 -3.17 -12.03
C ALA A 210 -41.45 -4.30 -12.47
N TRP A 211 -41.63 -4.84 -13.68
CA TRP A 211 -40.84 -5.99 -14.15
C TRP A 211 -40.65 -5.93 -15.66
N LEU A 212 -40.48 -4.72 -16.21
CA LEU A 212 -40.31 -4.60 -17.65
C LEU A 212 -38.94 -5.13 -18.09
N ASN A 213 -38.87 -5.66 -19.30
CA ASN A 213 -37.58 -6.07 -19.87
C ASN A 213 -37.04 -4.91 -20.69
N ILE A 214 -35.96 -4.28 -20.22
CA ILE A 214 -35.38 -3.12 -20.87
C ILE A 214 -34.49 -3.56 -22.03
N GLY A 215 -35.06 -3.61 -23.23
CA GLY A 215 -34.37 -4.12 -24.39
C GLY A 215 -34.85 -5.52 -24.77
N GLY A 216 -34.28 -6.01 -25.87
CA GLY A 216 -34.60 -7.35 -26.31
C GLY A 216 -33.81 -8.40 -25.56
N ASP A 217 -32.49 -8.27 -25.58
CA ASP A 217 -31.61 -9.24 -24.98
C ASP A 217 -30.50 -8.51 -24.24
N SER A 218 -29.56 -9.27 -23.68
CA SER A 218 -28.38 -8.70 -23.07
C SER A 218 -27.30 -8.45 -24.13
N GLN A 219 -27.67 -7.66 -25.12
CA GLN A 219 -26.64 -7.07 -25.97
C GLN A 219 -26.06 -5.85 -25.28
N VAL A 220 -24.97 -5.34 -25.81
CA VAL A 220 -24.37 -4.12 -25.29
C VAL A 220 -25.05 -2.93 -25.97
N TRP A 221 -25.30 -1.88 -25.20
CA TRP A 221 -25.97 -0.70 -25.71
C TRP A 221 -25.29 0.54 -25.15
N THR A 222 -25.38 1.64 -25.90
CA THR A 222 -24.79 2.90 -25.52
C THR A 222 -25.83 3.74 -24.78
N THR A 223 -25.36 4.85 -24.18
CA THR A 223 -26.31 5.71 -23.49
C THR A 223 -27.20 6.45 -24.47
N ALA A 224 -26.71 6.69 -25.70
CA ALA A 224 -27.59 7.21 -26.75
C ALA A 224 -28.70 6.22 -27.07
N GLN A 225 -28.37 4.93 -27.15
CA GLN A 225 -29.39 3.92 -27.34
C GLN A 225 -30.28 3.79 -26.11
N PHE A 226 -29.72 3.99 -24.92
CA PHE A 226 -30.53 3.94 -23.71
C PHE A 226 -31.55 5.08 -23.68
N ILE A 227 -31.12 6.29 -24.05
CA ILE A 227 -32.05 7.41 -24.05
C ILE A 227 -33.03 7.29 -25.22
N SER A 228 -32.64 6.63 -26.32
CA SER A 228 -33.60 6.35 -27.38
C SER A 228 -34.68 5.39 -26.91
N TRP A 229 -34.28 4.30 -26.22
CA TRP A 229 -35.24 3.36 -25.67
C TRP A 229 -36.16 4.05 -24.66
N LEU A 230 -35.61 4.99 -23.88
CA LEU A 230 -36.45 5.76 -22.97
C LEU A 230 -37.45 6.64 -23.73
N GLU A 231 -37.01 7.28 -24.81
CA GLU A 231 -37.94 8.02 -25.66
C GLU A 231 -39.12 7.16 -26.06
N SER A 232 -38.83 6.00 -26.67
CA SER A 232 -39.91 5.16 -27.21
C SER A 232 -40.91 4.71 -26.15
N GLN A 233 -40.55 4.68 -24.87
CA GLN A 233 -41.52 4.39 -23.82
C GLN A 233 -42.13 5.65 -23.21
N GLY A 234 -41.76 6.83 -23.69
CA GLY A 234 -42.35 8.07 -23.21
C GLY A 234 -41.79 8.62 -21.93
N ALA A 235 -40.58 8.23 -21.55
CA ALA A 235 -40.02 8.62 -20.26
C ALA A 235 -39.96 10.14 -20.11
N PHE A 236 -39.54 10.85 -21.16
CA PHE A 236 -39.39 12.30 -21.06
C PHE A 236 -40.70 13.05 -21.18
N ASN A 237 -41.82 12.34 -21.40
CA ASN A 237 -43.15 12.93 -21.28
C ASN A 237 -43.54 13.23 -19.84
N HIS A 238 -42.81 12.71 -18.86
CA HIS A 238 -43.19 12.94 -17.49
C HIS A 238 -42.04 13.54 -16.70
N PRO A 239 -42.34 14.43 -15.74
CA PRO A 239 -41.23 15.01 -14.96
C PRO A 239 -40.46 13.99 -14.12
N TYR A 240 -41.13 12.97 -13.57
CA TYR A 240 -40.49 11.82 -12.92
C TYR A 240 -41.10 10.60 -13.57
N TRP A 241 -40.24 9.67 -13.97
CA TRP A 241 -40.69 8.49 -14.70
C TRP A 241 -39.80 7.37 -14.22
N MET A 242 -40.36 6.42 -13.54
CA MET A 242 -39.51 5.34 -13.09
C MET A 242 -39.85 4.05 -13.83
N CYS A 243 -39.12 3.00 -13.48
CA CYS A 243 -39.08 1.76 -14.25
C CYS A 243 -38.18 0.76 -13.53
N LYS A 244 -38.41 -0.54 -13.67
CA LYS A 244 -37.50 -1.52 -13.07
C LYS A 244 -37.30 -2.69 -14.02
N GLY A 245 -36.07 -2.85 -14.48
CA GLY A 245 -35.76 -3.94 -15.39
C GLY A 245 -36.11 -5.29 -14.80
N SER A 246 -36.57 -6.19 -15.67
CA SER A 246 -37.01 -7.52 -15.25
C SER A 246 -35.83 -8.32 -14.71
N TRP A 247 -36.13 -9.18 -13.74
CA TRP A 247 -35.12 -10.06 -13.17
C TRP A 247 -34.81 -11.23 -14.11
N ALA A 248 -34.26 -10.88 -15.27
CA ALA A 248 -33.93 -11.84 -16.31
C ALA A 248 -32.74 -11.29 -17.08
N TYR A 249 -31.59 -11.95 -16.95
CA TYR A 249 -30.38 -11.46 -17.60
C TYR A 249 -30.49 -11.50 -19.12
N ALA A 250 -31.24 -12.46 -19.65
CA ALA A 250 -31.38 -12.65 -21.10
C ALA A 250 -32.41 -11.74 -21.72
N ASN A 251 -32.93 -10.76 -20.98
CA ASN A 251 -33.89 -9.82 -21.55
C ASN A 251 -33.40 -8.38 -21.56
N ASN A 252 -32.43 -8.02 -20.74
CA ASN A 252 -32.11 -6.63 -20.45
C ASN A 252 -30.75 -6.24 -20.99
N LYS A 253 -30.66 -5.05 -21.56
CA LYS A 253 -29.41 -4.51 -22.09
C LYS A 253 -28.38 -4.30 -20.97
N VAL A 254 -27.17 -3.91 -21.39
CA VAL A 254 -26.13 -3.42 -20.48
C VAL A 254 -25.45 -2.24 -21.17
N ILE A 255 -25.22 -1.17 -20.42
CA ILE A 255 -24.52 0.00 -20.95
C ILE A 255 -23.03 -0.16 -20.68
N THR A 256 -22.18 0.30 -21.62
CA THR A 256 -20.74 0.04 -21.55
C THR A 256 -19.87 1.29 -21.72
N ASP A 257 -20.45 2.47 -21.92
CA ASP A 257 -19.66 3.67 -22.15
C ASP A 257 -19.73 4.67 -20.99
N THR A 258 -19.90 4.19 -19.75
CA THR A 258 -20.15 5.14 -18.68
C THR A 258 -18.88 5.88 -18.28
N GLY A 259 -17.75 5.21 -18.35
CA GLY A 259 -16.55 5.77 -17.77
C GLY A 259 -16.47 5.57 -16.28
N CYS A 260 -17.41 4.81 -15.69
CA CYS A 260 -17.39 4.46 -14.29
C CYS A 260 -18.02 3.10 -14.06
N GLY A 261 -17.88 2.19 -15.01
CA GLY A 261 -18.33 0.82 -14.85
C GLY A 261 -19.60 0.55 -15.64
N ASN A 262 -19.78 -0.71 -16.02
CA ASN A 262 -20.92 -1.13 -16.82
C ASN A 262 -22.19 -1.11 -15.96
N ILE A 263 -23.33 -0.95 -16.64
CA ILE A 263 -24.65 -0.93 -15.98
C ILE A 263 -25.50 -2.03 -16.59
N CYS A 264 -25.71 -3.10 -15.84
CA CYS A 264 -26.60 -4.16 -16.25
C CYS A 264 -28.02 -3.80 -15.82
N LEU A 265 -28.91 -3.64 -16.81
CA LEU A 265 -30.28 -3.21 -16.55
C LEU A 265 -31.15 -4.33 -15.98
N ALA A 266 -30.68 -5.57 -16.02
CA ALA A 266 -31.41 -6.67 -15.40
C ALA A 266 -31.64 -6.41 -13.92
N GLY A 267 -32.91 -6.29 -13.54
CA GLY A 267 -33.22 -6.00 -12.15
C GLY A 267 -32.74 -4.65 -11.67
N ALA A 268 -32.58 -3.69 -12.59
CA ALA A 268 -32.13 -2.35 -12.27
C ALA A 268 -33.31 -1.38 -12.20
N VAL A 269 -33.32 -0.54 -11.18
CA VAL A 269 -34.28 0.55 -11.10
C VAL A 269 -33.78 1.71 -11.96
N VAL A 270 -34.65 2.21 -12.83
CA VAL A 270 -34.35 3.35 -13.70
C VAL A 270 -35.31 4.47 -13.34
N GLU A 271 -34.78 5.60 -12.87
CA GLU A 271 -35.60 6.77 -12.57
C GLU A 271 -35.13 7.92 -13.47
N VAL A 272 -36.07 8.55 -14.18
CA VAL A 272 -35.78 9.58 -15.17
C VAL A 272 -36.46 10.86 -14.72
N ILE A 273 -35.69 11.94 -14.60
CA ILE A 273 -36.20 13.19 -14.05
C ILE A 273 -35.79 14.32 -14.99
N GLY A 274 -36.74 15.18 -15.33
CA GLY A 274 -36.44 16.35 -16.14
C GLY A 274 -37.09 16.31 -17.50
N THR A 275 -36.41 16.89 -18.49
CA THR A 275 -36.87 16.89 -19.87
C THR A 275 -35.90 16.07 -20.72
N ARG A 276 -36.33 15.78 -21.96
CA ARG A 276 -35.38 15.27 -22.95
C ARG A 276 -34.24 16.24 -23.17
N GLY A 277 -34.50 17.54 -22.93
CA GLY A 277 -33.48 18.56 -22.99
C GLY A 277 -32.54 18.56 -21.81
N ALA A 278 -33.08 18.63 -20.59
CA ALA A 278 -32.30 18.63 -19.33
C ALA A 278 -32.65 17.35 -18.57
N MET A 279 -31.80 16.37 -18.74
CA MET A 279 -32.06 14.97 -18.40
C MET A 279 -31.25 14.54 -17.16
N THR A 280 -31.91 13.79 -16.24
CA THR A 280 -31.23 13.25 -15.06
C THR A 280 -31.69 11.79 -14.86
N ILE A 281 -30.82 10.79 -15.02
CA ILE A 281 -31.23 9.40 -14.77
C ILE A 281 -30.45 8.84 -13.58
N ARG A 282 -31.17 8.24 -12.65
CA ARG A 282 -30.59 7.60 -11.49
C ARG A 282 -30.92 6.12 -11.61
N VAL A 283 -29.89 5.29 -11.66
CA VAL A 283 -30.03 3.86 -11.91
C VAL A 283 -29.47 3.13 -10.71
N THR A 284 -30.29 2.30 -10.10
CA THR A 284 -29.91 1.60 -8.88
C THR A 284 -29.84 0.11 -9.20
N THR A 285 -28.56 -0.51 -9.05
CA THR A 285 -28.33 -1.89 -9.46
C THR A 285 -28.41 -2.83 -8.27
N PRO A 286 -28.73 -4.11 -8.52
CA PRO A 286 -28.93 -5.04 -7.40
C PRO A 286 -27.68 -5.86 -7.10
N SER A 287 -27.75 -6.79 -6.16
CA SER A 287 -26.52 -7.40 -5.66
C SER A 287 -25.88 -8.35 -6.66
N THR A 288 -26.52 -8.67 -7.77
CA THR A 288 -25.93 -9.52 -8.79
C THR A 288 -26.17 -8.91 -10.16
N SER A 289 -25.24 -9.16 -11.08
CA SER A 289 -25.38 -8.67 -12.46
C SER A 289 -24.77 -9.67 -13.45
N SER A 290 -24.86 -9.31 -14.72
CA SER A 290 -24.17 -9.97 -15.82
C SER A 290 -23.56 -8.92 -16.72
N GLY A 291 -22.72 -9.36 -17.65
CA GLY A 291 -22.08 -8.44 -18.56
C GLY A 291 -21.08 -7.52 -17.92
N GLY A 292 -20.69 -7.76 -16.68
CA GLY A 292 -19.76 -6.90 -15.99
C GLY A 292 -20.40 -5.73 -15.29
N GLY A 293 -21.72 -5.76 -15.10
CA GLY A 293 -22.38 -4.65 -14.44
C GLY A 293 -21.86 -4.46 -13.02
N ILE A 294 -21.75 -3.20 -12.61
CA ILE A 294 -21.42 -2.95 -11.21
C ILE A 294 -22.63 -3.26 -10.37
N THR A 295 -22.49 -4.21 -9.46
CA THR A 295 -23.48 -4.52 -8.46
C THR A 295 -23.46 -3.53 -7.30
N ASN A 296 -24.60 -3.45 -6.60
CA ASN A 296 -24.75 -2.68 -5.37
C ASN A 296 -24.39 -1.21 -5.55
N ALA A 297 -24.92 -0.59 -6.62
CA ALA A 297 -24.48 0.73 -7.04
C ALA A 297 -25.67 1.64 -7.30
N GLN A 298 -25.42 2.94 -7.21
CA GLN A 298 -26.32 3.98 -7.69
C GLN A 298 -25.55 4.86 -8.68
N PHE A 299 -25.87 4.73 -9.97
CA PHE A 299 -25.33 5.58 -11.01
C PHE A 299 -26.24 6.79 -11.23
N THR A 300 -25.64 7.91 -11.63
CA THR A 300 -26.40 9.09 -11.98
C THR A 300 -25.85 9.67 -13.27
N TYR A 301 -26.76 9.94 -14.19
CA TYR A 301 -26.45 10.41 -15.53
C TYR A 301 -27.05 11.79 -15.70
N ILE A 302 -26.23 12.74 -16.14
CA ILE A 302 -26.73 14.06 -16.51
C ILE A 302 -26.52 14.23 -18.01
N ASN A 303 -27.51 14.84 -18.65
CA ASN A 303 -27.38 15.30 -20.03
C ASN A 303 -28.21 16.57 -20.13
N HIS A 304 -27.53 17.70 -19.93
CA HIS A 304 -28.12 19.03 -20.04
C HIS A 304 -27.63 19.75 -21.29
N GLY A 305 -27.20 18.99 -22.30
CA GLY A 305 -26.61 19.56 -23.50
C GLY A 305 -25.17 19.14 -23.68
N ASP A 306 -24.73 19.05 -24.94
CA ASP A 306 -23.41 18.49 -25.22
C ASP A 306 -22.28 19.45 -24.85
N ALA A 307 -22.59 20.74 -24.67
CA ALA A 307 -21.59 21.69 -24.18
C ALA A 307 -21.57 21.78 -22.65
N TYR A 308 -22.37 21.00 -21.95
CA TYR A 308 -22.50 21.16 -20.51
C TYR A 308 -22.10 19.88 -19.77
N ALA A 309 -21.16 19.12 -20.34
CA ALA A 309 -20.49 17.94 -19.78
C ALA A 309 -21.45 16.80 -19.46
N PRO A 310 -22.02 16.16 -20.46
CA PRO A 310 -22.86 14.98 -20.21
C PRO A 310 -22.02 13.86 -19.65
N GLY A 311 -22.64 12.97 -18.88
CA GLY A 311 -21.89 11.86 -18.35
C GLY A 311 -22.52 11.24 -17.12
N TRP A 312 -21.85 10.16 -16.68
CA TRP A 312 -22.22 9.29 -15.58
C TRP A 312 -21.31 9.50 -14.36
N ARG A 313 -21.85 9.13 -13.20
CA ARG A 313 -21.15 9.09 -11.92
C ARG A 313 -21.73 7.95 -11.12
N ARG A 314 -20.99 7.48 -10.12
CA ARG A 314 -21.34 6.32 -9.32
C ARG A 314 -21.08 6.65 -7.85
N ASP A 315 -21.95 6.18 -6.95
CA ASP A 315 -21.75 6.43 -5.52
C ASP A 315 -20.61 5.57 -4.97
N TYR A 316 -20.17 5.88 -3.75
CA TYR A 316 -19.41 4.96 -2.95
C TYR A 316 -20.29 4.51 -1.80
N ASN A 317 -20.14 3.24 -1.41
CA ASN A 317 -20.98 2.68 -0.35
C ASN A 317 -20.23 1.49 0.25
N THR A 318 -20.86 0.88 1.27
CA THR A 318 -20.20 -0.17 2.06
C THR A 318 -19.84 -1.39 1.22
N LYS A 319 -20.48 -1.55 0.07
CA LYS A 319 -20.14 -2.62 -0.85
C LYS A 319 -19.10 -2.19 -1.85
N ASN A 320 -19.20 -0.96 -2.37
CA ASN A 320 -18.27 -0.46 -3.37
C ASN A 320 -17.54 0.72 -2.70
N GLN A 321 -16.52 0.41 -1.91
CA GLN A 321 -15.82 1.45 -1.19
C GLN A 321 -14.97 2.27 -2.16
N GLN A 322 -14.63 3.48 -1.73
CA GLN A 322 -13.62 4.24 -2.45
C GLN A 322 -12.25 3.59 -2.27
N PRO A 323 -11.41 3.53 -3.34
CA PRO A 323 -10.06 2.92 -3.21
C PRO A 323 -9.06 3.80 -2.45
N ALA A 324 -9.12 3.68 -1.12
CA ALA A 324 -8.45 4.56 -0.18
C ALA A 324 -7.68 3.72 0.81
N PHE A 325 -6.57 4.25 1.30
CA PHE A 325 -5.82 3.56 2.36
C PHE A 325 -6.73 3.37 3.60
N ALA A 326 -6.90 2.13 4.08
CA ALA A 326 -7.88 1.87 5.13
C ALA A 326 -7.37 2.27 6.52
N LEU A 327 -8.27 2.83 7.33
CA LEU A 327 -7.98 2.84 8.75
C LEU A 327 -7.89 1.42 9.29
N GLY A 328 -7.28 1.28 10.48
CA GLY A 328 -7.27 -0.06 11.07
C GLY A 328 -6.39 -1.01 10.27
N GLN A 329 -6.75 -2.31 10.33
CA GLN A 329 -6.00 -3.39 9.70
C GLN A 329 -6.48 -3.58 8.26
N THR A 330 -5.54 -3.69 7.30
CA THR A 330 -5.95 -4.16 5.96
C THR A 330 -5.81 -5.68 5.88
N GLY A 331 -6.81 -6.33 5.31
CA GLY A 331 -6.83 -7.79 5.15
C GLY A 331 -6.87 -8.55 6.48
N SER A 332 -6.38 -9.78 6.43
CA SER A 332 -6.24 -10.68 7.56
C SER A 332 -4.78 -10.85 7.82
N THR A 333 -4.47 -11.48 8.96
CA THR A 333 -3.08 -11.73 9.34
C THR A 333 -2.43 -12.65 8.30
N VAL A 334 -1.22 -12.31 7.82
CA VAL A 334 -0.55 -13.15 6.83
C VAL A 334 0.44 -14.07 7.58
N GLY A 335 0.91 -15.10 6.90
CA GLY A 335 1.62 -16.20 7.54
C GLY A 335 3.08 -15.96 7.82
N ASN A 336 3.72 -14.96 7.23
CA ASN A 336 5.10 -14.72 7.59
C ASN A 336 5.39 -13.27 7.24
N ASP A 337 6.56 -12.79 7.68
CA ASP A 337 6.79 -11.35 7.54
C ASP A 337 6.97 -10.87 6.11
N LYS A 338 7.19 -11.76 5.16
CA LYS A 338 7.38 -11.32 3.77
C LYS A 338 6.19 -11.65 2.93
N ALA A 339 5.03 -11.93 3.55
CA ALA A 339 3.94 -12.47 2.72
C ALA A 339 3.11 -11.39 1.99
N VAL A 340 3.23 -10.11 2.34
CA VAL A 340 2.42 -9.09 1.66
C VAL A 340 3.08 -8.89 0.30
N GLY A 341 2.39 -9.24 -0.77
CA GLY A 341 2.95 -9.06 -2.13
C GLY A 341 3.12 -7.59 -2.53
N TRP A 342 4.11 -7.34 -3.41
CA TRP A 342 4.45 -5.97 -3.76
C TRP A 342 3.26 -5.26 -4.34
N ASN A 343 2.38 -5.99 -5.01
CA ASN A 343 1.26 -5.38 -5.69
C ASN A 343 -0.04 -5.39 -4.88
N TRP A 344 0.03 -5.65 -3.56
CA TRP A 344 -1.21 -5.59 -2.78
C TRP A 344 -1.56 -4.13 -2.49
N ASN A 345 -2.80 -3.89 -2.04
CA ASN A 345 -3.22 -2.55 -1.59
C ASN A 345 -2.31 -1.99 -0.52
N SER A 346 -1.94 -0.71 -0.66
CA SER A 346 -1.30 -0.02 0.46
C SER A 346 -2.13 -0.17 1.74
N GLY A 347 -1.48 -0.34 2.89
CA GLY A 347 -2.25 -0.53 4.10
C GLY A 347 -1.31 -0.97 5.20
N VAL A 348 -1.91 -1.17 6.37
CA VAL A 348 -1.21 -1.64 7.55
C VAL A 348 -1.62 -3.10 7.73
N TYR A 349 -0.66 -4.01 7.73
CA TYR A 349 -0.93 -5.43 7.84
C TYR A 349 -0.25 -6.02 9.08
N ASN A 350 -0.78 -7.12 9.55
CA ASN A 350 -0.22 -7.91 10.64
C ASN A 350 0.33 -9.20 10.06
N ALA A 351 1.56 -9.61 10.44
CA ALA A 351 2.21 -10.79 9.91
C ALA A 351 2.64 -11.70 11.07
N ASN A 352 2.37 -12.98 10.97
CA ASN A 352 2.78 -13.93 11.99
C ASN A 352 4.28 -14.12 11.90
N ILE A 353 4.97 -14.11 13.04
CA ILE A 353 6.41 -14.40 13.09
C ILE A 353 6.70 -15.58 14.04
N GLY A 354 5.70 -16.27 14.48
CA GLY A 354 5.82 -17.51 15.24
C GLY A 354 5.73 -17.22 16.74
N GLY A 355 4.59 -17.36 17.34
CA GLY A 355 4.56 -17.04 18.75
C GLY A 355 4.24 -15.57 19.02
N ALA A 356 4.65 -14.68 18.13
CA ALA A 356 4.20 -13.29 18.15
C ALA A 356 3.87 -12.88 16.71
N SER A 357 3.76 -11.58 16.46
CA SER A 357 3.49 -11.09 15.11
C SER A 357 4.17 -9.75 14.99
N THR A 358 4.21 -9.20 13.79
CA THR A 358 4.95 -7.98 13.53
C THR A 358 4.08 -7.10 12.60
N LEU A 359 4.38 -5.81 12.56
CA LEU A 359 3.58 -4.85 11.80
C LEU A 359 4.24 -4.63 10.44
N ILE A 360 3.47 -4.69 9.36
CA ILE A 360 4.02 -4.46 8.00
C ILE A 360 3.30 -3.24 7.43
N LEU A 361 4.03 -2.17 7.13
CA LEU A 361 3.39 -0.98 6.59
C LEU A 361 3.73 -0.99 5.12
N HIS A 362 2.74 -1.13 4.23
CA HIS A 362 2.96 -1.41 2.82
C HIS A 362 2.40 -0.25 2.00
N PHE A 363 3.18 0.29 1.06
CA PHE A 363 2.74 1.27 0.08
C PHE A 363 3.04 0.75 -1.32
N ASN A 364 2.09 0.84 -2.21
CA ASN A 364 2.24 0.32 -3.56
C ASN A 364 1.49 1.27 -4.48
N MET A 365 2.17 1.73 -5.55
CA MET A 365 1.55 2.57 -6.57
C MET A 365 1.49 1.93 -7.95
N ASN A 366 1.84 0.64 -8.06
CA ASN A 366 1.60 -0.10 -9.31
C ASN A 366 2.34 0.48 -10.50
N THR A 367 3.44 1.20 -10.32
CA THR A 367 4.05 1.76 -11.53
C THR A 367 5.46 2.21 -11.17
N GLY A 368 6.33 2.40 -12.15
CA GLY A 368 7.63 2.98 -11.86
C GLY A 368 8.68 1.92 -11.58
N SER A 369 9.94 2.38 -11.46
CA SER A 369 11.05 1.45 -11.21
C SER A 369 10.95 0.90 -9.82
N CYS A 370 10.48 1.70 -8.87
CA CYS A 370 10.22 1.21 -7.52
C CYS A 370 8.73 1.39 -7.26
N PRO A 371 7.88 0.36 -7.44
CA PRO A 371 6.43 0.56 -7.29
C PRO A 371 5.96 0.44 -5.83
N ALA A 372 6.81 -0.03 -4.91
CA ALA A 372 6.32 -0.38 -3.59
C ALA A 372 7.44 -0.32 -2.59
N VAL A 373 7.07 0.00 -1.38
CA VAL A 373 8.01 -0.07 -0.27
C VAL A 373 7.25 -0.64 0.91
N GLN A 374 7.94 -1.44 1.74
CA GLN A 374 7.34 -1.96 2.95
C GLN A 374 8.28 -1.68 4.09
N PHE A 375 7.69 -1.42 5.25
CA PHE A 375 8.46 -1.28 6.49
C PHE A 375 8.05 -2.41 7.38
N ARG A 376 8.99 -3.02 8.06
CA ARG A 376 8.61 -4.00 9.09
C ARG A 376 8.91 -3.34 10.43
N VAL A 377 7.97 -3.39 11.36
CA VAL A 377 8.12 -2.76 12.66
C VAL A 377 7.88 -3.80 13.76
N ASN A 378 8.87 -4.02 14.63
CA ASN A 378 8.73 -4.98 15.76
C ASN A 378 8.17 -4.29 17.01
N TYR A 379 7.48 -5.05 17.88
CA TYR A 379 6.81 -4.37 18.99
C TYR A 379 7.82 -3.75 19.95
N ARG A 380 7.38 -2.67 20.66
CA ARG A 380 8.18 -2.00 21.71
C ARG A 380 9.56 -1.56 21.19
N ASN A 381 9.59 -0.82 20.08
CA ASN A 381 10.83 -0.37 19.45
C ASN A 381 11.81 -1.53 19.27
N GLY A 382 11.30 -2.69 18.82
CA GLY A 382 12.16 -3.84 18.68
C GLY A 382 12.92 -3.87 17.38
N GLY A 383 12.83 -2.81 16.60
CA GLY A 383 13.55 -2.79 15.32
C GLY A 383 12.62 -2.29 14.21
N ILE A 384 13.14 -1.51 13.26
CA ILE A 384 12.36 -1.06 12.11
C ILE A 384 13.25 -1.28 10.86
N PHE A 385 12.65 -1.78 9.79
CA PHE A 385 13.35 -2.28 8.59
C PHE A 385 12.56 -1.84 7.35
N TYR A 386 13.22 -1.76 6.16
CA TYR A 386 12.45 -1.55 4.96
C TYR A 386 12.92 -2.48 3.86
N ARG A 387 12.04 -2.68 2.87
CA ARG A 387 12.49 -3.29 1.63
C ARG A 387 11.67 -2.67 0.50
N SER A 388 12.24 -2.61 -0.72
CA SER A 388 11.54 -1.87 -1.75
C SER A 388 11.64 -2.67 -3.05
N ALA A 389 10.65 -2.51 -3.89
CA ALA A 389 10.52 -3.43 -5.01
C ALA A 389 11.24 -2.85 -6.23
N ARG A 390 11.20 -3.62 -7.30
CA ARG A 390 11.80 -3.28 -8.59
C ARG A 390 10.94 -3.76 -9.72
N ASP A 391 10.60 -2.83 -10.61
CA ASP A 391 9.72 -3.11 -11.75
C ASP A 391 8.59 -4.07 -11.34
N GLY A 392 8.33 -5.16 -12.11
CA GLY A 392 7.40 -6.25 -11.70
C GLY A 392 8.08 -7.44 -10.98
N TYR A 393 9.23 -7.23 -10.40
CA TYR A 393 10.04 -8.33 -9.87
C TYR A 393 9.92 -8.48 -8.36
N GLY A 394 9.12 -7.62 -7.74
CA GLY A 394 9.00 -7.63 -6.27
C GLY A 394 10.22 -7.21 -5.53
N PHE A 395 10.41 -7.83 -4.35
CA PHE A 395 11.43 -7.44 -3.40
C PHE A 395 12.57 -8.44 -3.49
N GLU A 396 13.62 -8.11 -4.25
CA GLU A 396 14.74 -9.02 -4.42
C GLU A 396 15.74 -8.98 -3.26
N ALA A 397 15.76 -7.90 -2.49
CA ALA A 397 16.69 -7.82 -1.37
C ALA A 397 15.96 -8.14 -0.08
N ASP A 398 16.69 -8.73 0.89
CA ASP A 398 16.16 -8.95 2.25
C ASP A 398 15.88 -7.63 2.93
N TRP A 399 15.09 -7.65 4.02
CA TRP A 399 14.94 -6.41 4.84
C TRP A 399 16.32 -5.73 5.08
N SER A 400 16.40 -4.41 4.96
CA SER A 400 17.55 -3.66 5.49
C SER A 400 17.09 -3.07 6.83
N GLU A 401 17.77 -3.39 7.92
CA GLU A 401 17.39 -2.79 9.20
C GLU A 401 17.92 -1.37 9.23
N ILE A 402 17.06 -0.47 9.70
CA ILE A 402 17.40 0.94 9.84
C ILE A 402 18.11 1.14 11.18
N TYR A 403 19.26 1.85 11.17
CA TYR A 403 19.97 2.12 12.41
C TYR A 403 19.30 3.23 13.19
N THR A 404 19.19 3.05 14.51
CA THR A 404 18.58 4.03 15.40
C THR A 404 19.36 4.06 16.71
N THR A 405 18.98 4.99 17.60
CA THR A 405 19.62 5.05 18.90
C THR A 405 19.35 3.82 19.75
N THR A 406 18.41 2.93 19.40
CA THR A 406 18.32 1.65 20.13
C THR A 406 18.82 0.51 19.26
N ARG A 407 19.38 0.82 18.11
CA ARG A 407 19.90 -0.29 17.30
C ARG A 407 21.12 0.34 16.58
N LYS A 408 22.19 0.62 17.37
CA LYS A 408 23.32 1.42 16.82
C LYS A 408 24.24 0.51 16.01
N PRO A 409 24.95 1.03 14.99
CA PRO A 409 25.96 0.19 14.30
C PRO A 409 27.07 -0.20 15.30
N SER A 410 27.77 -1.32 14.99
CA SER A 410 28.98 -1.73 15.69
C SER A 410 30.20 -1.02 15.08
N ALA A 411 31.34 -1.11 15.77
CA ALA A 411 32.55 -0.47 15.22
C ALA A 411 32.96 -1.19 13.95
N GLY A 412 32.79 -2.51 13.92
CA GLY A 412 33.05 -3.25 12.69
C GLY A 412 32.11 -2.91 11.54
N ASP A 413 30.81 -2.70 11.79
CA ASP A 413 29.90 -2.18 10.74
C ASP A 413 30.51 -0.98 10.01
N VAL A 414 31.10 -0.04 10.76
CA VAL A 414 31.62 1.17 10.15
C VAL A 414 33.10 1.00 9.72
N GLY A 415 33.68 -0.19 9.82
CA GLY A 415 35.06 -0.33 9.33
C GLY A 415 36.13 0.05 10.38
N ALA A 416 35.75 0.21 11.65
CA ALA A 416 36.65 0.75 12.69
C ALA A 416 37.01 -0.35 13.67
N TYR A 417 37.94 -0.04 14.60
CA TYR A 417 38.16 -0.93 15.74
C TYR A 417 37.29 -0.48 16.90
N THR A 418 36.91 -1.41 17.77
CA THR A 418 36.36 -0.94 19.05
C THR A 418 37.50 -0.34 19.88
N GLN A 419 37.15 0.38 20.95
CA GLN A 419 38.17 0.86 21.90
C GLN A 419 39.02 -0.28 22.44
N ALA A 420 38.38 -1.39 22.83
CA ALA A 420 39.14 -2.50 23.43
C ALA A 420 40.07 -3.10 22.40
N GLU A 421 39.67 -3.12 21.11
CA GLU A 421 40.56 -3.63 20.10
C GLU A 421 41.79 -2.72 19.90
N CYS A 422 41.59 -1.41 19.95
CA CYS A 422 42.74 -0.47 19.89
C CYS A 422 43.63 -0.68 21.10
N ASN A 423 43.01 -0.71 22.29
CA ASN A 423 43.72 -0.78 23.55
C ASN A 423 44.59 -2.03 23.61
N SER A 424 44.12 -3.15 23.03
CA SER A 424 44.90 -4.37 23.13
C SER A 424 45.95 -4.45 22.04
N ARG A 425 45.94 -3.55 21.07
CA ARG A 425 46.96 -3.65 20.01
C ARG A 425 48.09 -2.62 20.14
N PHE A 426 47.82 -1.36 20.49
CA PHE A 426 48.80 -0.30 20.21
C PHE A 426 49.48 0.17 21.50
N ILE A 427 50.73 0.59 21.38
CA ILE A 427 51.55 0.91 22.55
C ILE A 427 51.25 2.32 23.02
N THR A 428 51.25 2.54 24.30
CA THR A 428 51.00 3.85 24.88
C THR A 428 52.22 4.40 25.60
N GLY A 429 53.26 3.60 25.84
CA GLY A 429 54.38 4.17 26.61
C GLY A 429 55.60 3.32 26.34
N ILE A 430 56.78 3.89 26.62
CA ILE A 430 58.09 3.23 26.45
C ILE A 430 58.88 3.64 27.68
N ARG A 431 59.71 2.76 28.23
CA ARG A 431 60.56 3.19 29.32
C ARG A 431 61.68 2.19 29.48
N LEU A 432 62.62 2.48 30.39
CA LEU A 432 63.62 1.52 30.76
C LEU A 432 63.24 0.89 32.11
N GLY A 433 63.41 -0.42 32.22
CA GLY A 433 62.99 -1.12 33.41
C GLY A 433 64.04 -1.06 34.49
N GLY A 434 63.94 -2.00 35.44
CA GLY A 434 64.80 -1.93 36.62
C GLY A 434 66.24 -2.18 36.26
N LEU A 435 67.13 -1.62 37.08
CA LEU A 435 68.55 -1.62 36.82
C LEU A 435 69.15 -2.99 37.20
N SER A 436 70.10 -3.49 36.40
CA SER A 436 71.01 -4.59 36.74
C SER A 436 72.44 -4.09 36.56
N SER A 437 73.39 -4.67 37.28
CA SER A 437 74.76 -4.20 37.11
C SER A 437 75.68 -5.37 37.32
N VAL A 438 76.93 -5.17 36.88
CA VAL A 438 77.98 -6.17 37.01
C VAL A 438 79.29 -5.43 37.24
N GLN A 439 80.17 -6.03 38.03
CA GLN A 439 81.51 -5.49 38.21
C GLN A 439 82.44 -6.09 37.15
N THR A 440 83.30 -5.26 36.59
CA THR A 440 84.11 -5.69 35.45
C THR A 440 85.60 -5.62 35.79
N GLY A 445 82.39 -8.41 32.06
CA GLY A 445 81.52 -7.26 31.91
C GLY A 445 80.06 -7.60 31.66
N TRP A 446 79.30 -6.68 31.05
CA TRP A 446 77.91 -6.96 30.72
C TRP A 446 77.87 -7.54 29.29
N SER A 447 77.47 -8.81 29.19
CA SER A 447 77.25 -9.50 27.91
C SER A 447 75.87 -9.19 27.38
N ASP A 448 75.79 -9.06 26.06
CA ASP A 448 74.53 -8.82 25.38
C ASP A 448 73.45 -9.74 25.94
N ARG A 449 72.35 -9.14 26.34
CA ARG A 449 71.20 -9.82 26.93
C ARG A 449 69.91 -9.36 26.29
N SER A 450 69.07 -10.32 25.94
CA SER A 450 67.86 -10.06 25.18
C SER A 450 67.06 -8.90 25.77
N GLY A 451 66.88 -7.83 24.99
CA GLY A 451 66.08 -6.73 25.51
C GLY A 451 66.81 -5.67 26.35
N TYR A 452 68.03 -5.95 26.80
CA TYR A 452 68.77 -5.06 27.71
C TYR A 452 69.69 -4.12 26.95
N VAL A 453 69.81 -2.88 27.45
CA VAL A 453 70.73 -1.89 26.90
C VAL A 453 71.60 -1.40 28.04
N VAL A 454 72.84 -1.06 27.72
CA VAL A 454 73.75 -0.48 28.71
C VAL A 454 73.34 0.96 28.96
N THR A 455 73.23 1.33 30.23
CA THR A 455 72.82 2.66 30.63
C THR A 455 73.87 3.31 31.49
N GLY A 456 74.93 2.61 31.86
CA GLY A 456 75.95 3.29 32.64
C GLY A 456 77.23 2.48 32.66
N SER A 457 78.37 3.19 32.70
CA SER A 457 79.69 2.55 32.85
C SER A 457 80.41 3.34 33.94
N VAL A 458 80.03 3.09 35.20
CA VAL A 458 80.62 3.78 36.37
C VAL A 458 82.14 4.06 36.27
N ASP A 467 85.45 -0.93 35.78
CA ASP A 467 84.67 -0.73 37.00
C ASP A 467 83.32 -1.47 36.91
N THR A 468 82.21 -0.76 36.77
CA THR A 468 80.90 -1.40 36.79
C THR A 468 80.07 -0.97 35.60
N THR A 469 79.33 -1.93 35.04
CA THR A 469 78.44 -1.67 33.92
C THR A 469 76.99 -1.89 34.39
N GLN A 470 76.12 -0.95 34.03
CA GLN A 470 74.71 -0.97 34.34
C GLN A 470 73.91 -1.10 33.04
N ALA A 471 72.79 -1.81 33.14
CA ALA A 471 71.94 -2.14 32.03
C ALA A 471 70.52 -2.18 32.53
N ARG A 472 69.57 -1.87 31.64
CA ARG A 472 68.15 -1.97 31.90
C ARG A 472 67.44 -2.58 30.69
N PRO A 473 66.26 -3.21 30.89
CA PRO A 473 65.50 -3.71 29.75
C PRO A 473 64.66 -2.59 29.17
N ILE A 474 64.53 -2.56 27.84
CA ILE A 474 63.49 -1.70 27.23
C ILE A 474 62.12 -2.34 27.48
N GLN A 475 61.11 -1.53 27.87
CA GLN A 475 59.79 -2.04 28.16
C GLN A 475 58.80 -1.16 27.43
N TYR A 476 57.69 -1.73 27.04
CA TYR A 476 56.65 -0.95 26.35
C TYR A 476 55.32 -1.34 26.92
N CYS A 477 54.34 -0.45 26.78
CA CYS A 477 53.08 -0.61 27.54
C CYS A 477 51.95 -0.76 26.54
N ILE A 478 51.11 -1.78 26.72
CA ILE A 478 49.91 -1.97 25.90
C ILE A 478 48.73 -2.23 26.85
N ASN A 479 47.72 -1.37 26.80
CA ASN A 479 46.56 -1.56 27.68
C ASN A 479 46.95 -1.58 29.16
N GLY A 480 47.88 -0.72 29.57
CA GLY A 480 48.31 -0.74 30.96
C GLY A 480 49.34 -1.79 31.31
N THR A 481 49.53 -2.81 30.48
CA THR A 481 50.45 -3.91 30.85
C THR A 481 51.81 -3.57 30.29
N TRP A 482 52.86 -3.67 31.10
CA TRP A 482 54.18 -3.51 30.49
C TRP A 482 54.72 -4.86 29.97
N TYR A 483 55.64 -4.77 29.00
CA TYR A 483 56.34 -5.96 28.48
C TYR A 483 57.82 -5.64 28.28
N ASN A 484 58.69 -6.61 28.49
CA ASN A 484 60.09 -6.49 28.04
C ASN A 484 60.23 -6.68 26.54
N ALA A 485 60.95 -5.75 25.92
CA ALA A 485 61.39 -5.94 24.54
C ALA A 485 62.31 -7.14 24.45
N GLY A 486 62.37 -7.74 23.26
CA GLY A 486 63.35 -8.78 23.00
C GLY A 486 64.43 -8.26 22.04
N SER A 487 65.36 -9.16 21.70
CA SER A 487 66.45 -8.88 20.77
C SER A 487 66.44 -10.00 19.70
N ILE A 488 66.51 -9.65 18.44
CA ILE A 488 66.77 -10.60 17.36
C ILE A 488 67.94 -11.56 17.60
#